data_5ZJN
#
_entry.id   5ZJN
#
_cell.length_a   48.959
_cell.length_b   70.653
_cell.length_c   149.362
_cell.angle_alpha   90.000
_cell.angle_beta   90.000
_cell.angle_gamma   90.000
#
_symmetry.space_group_name_H-M   'P 21 21 21'
#
loop_
_entity.id
_entity.type
_entity.pdbx_description
1 polymer 'Putative N-acetylmannosamine-6-phosphate 2-epimerase'
2 non-polymer N-acetylmannosamine-6-phosphate
3 non-polymer DI(HYDROXYETHYL)ETHER
4 non-polymer 1,2-ETHANEDIOL
5 non-polymer 'TRIETHYLENE GLYCOL'
#
_entity_poly.entity_id   1
_entity_poly.type   'polypeptide(L)'
_entity_poly.pdbx_seq_one_letter_code
;MHHHHHHITSLYKKAGFMRKNFLNIEELKRFLNGQTVVSIQPVTGSPLDKTDFIVAMAIAVEQAGAKALRIEGVSNVAAV
SAAVTIPIIGIVKRDLPDSPVRITPFVSDVDGLANAGATVIAFDATNRTRPESRERIAQAIKNTGCFAMADCSTFEDGLW
ANSQGVEIVGSTLSGYVGDIEPTVPDFQLVKAFSEAGFFTMAEGRYNTPELAAKAIESGAVAVTVGSALTRLEVVTQWFN
NATQAAGERKCAH
;
_entity_poly.pdbx_strand_id   A,B
#
# COMPACT_ATOMS: atom_id res chain seq x y z
N ILE A 25 -5.82 4.97 31.01
CA ILE A 25 -4.54 4.70 30.36
C ILE A 25 -4.27 3.21 30.24
N GLU A 26 -4.50 2.45 31.30
CA GLU A 26 -4.35 1.00 31.18
C GLU A 26 -5.44 0.45 30.29
N GLU A 27 -6.56 1.16 30.19
CA GLU A 27 -7.56 0.84 29.17
C GLU A 27 -6.97 0.91 27.77
N LEU A 28 -6.24 2.00 27.47
CA LEU A 28 -5.69 2.17 26.14
C LEU A 28 -4.62 1.13 25.82
N LYS A 29 -3.84 0.74 26.82
CA LYS A 29 -2.77 -0.23 26.61
C LYS A 29 -3.34 -1.61 26.28
N ARG A 30 -4.43 -1.97 26.95
CA ARG A 30 -5.13 -3.22 26.68
C ARG A 30 -5.84 -3.20 25.33
N PHE A 31 -6.36 -2.04 24.96
CA PHE A 31 -7.05 -1.88 23.68
C PHE A 31 -6.07 -1.96 22.52
N LEU A 32 -4.86 -1.44 22.69
CA LEU A 32 -3.85 -1.37 21.64
C LEU A 32 -2.86 -2.52 21.66
N ASN A 33 -3.05 -3.50 22.55
CA ASN A 33 -2.09 -4.58 22.69
C ASN A 33 -2.12 -5.50 21.47
N GLY A 34 -0.96 -5.71 20.86
CA GLY A 34 -0.86 -6.52 19.66
C GLY A 34 -1.37 -5.89 18.38
N GLN A 35 -1.69 -4.59 18.40
CA GLN A 35 -2.29 -3.90 17.28
C GLN A 35 -1.27 -3.19 16.39
N THR A 36 -1.67 -3.08 15.12
CA THR A 36 -1.00 -2.26 14.12
C THR A 36 -1.73 -0.93 14.08
N VAL A 37 -1.00 0.14 14.36
CA VAL A 37 -1.53 1.50 14.30
C VAL A 37 -1.16 2.07 12.93
N VAL A 38 -2.16 2.55 12.21
CA VAL A 38 -2.00 2.95 10.81
C VAL A 38 -1.73 4.45 10.72
N SER A 39 -0.58 4.82 10.18
CA SER A 39 -0.23 6.21 9.95
C SER A 39 -0.70 6.61 8.54
N ILE A 40 -1.71 7.49 8.49
CA ILE A 40 -2.27 7.96 7.23
C ILE A 40 -1.64 9.31 6.93
N GLN A 41 -0.50 9.27 6.22
CA GLN A 41 0.25 10.47 5.90
C GLN A 41 0.75 10.38 4.47
N PRO A 42 -0.07 10.78 3.50
CA PRO A 42 0.34 10.72 2.10
C PRO A 42 1.55 11.61 1.89
N VAL A 43 2.31 11.33 0.83
CA VAL A 43 3.48 12.15 0.59
C VAL A 43 3.03 13.55 0.23
N THR A 44 3.79 14.55 0.70
CA THR A 44 3.40 15.94 0.51
C THR A 44 3.45 16.29 -0.97
N GLY A 45 2.44 17.03 -1.42
CA GLY A 45 2.30 17.40 -2.81
C GLY A 45 1.69 16.34 -3.70
N SER A 46 1.41 15.15 -3.19
CA SER A 46 0.90 14.06 -4.00
C SER A 46 -0.56 14.29 -4.41
N PRO A 47 -0.99 13.65 -5.49
CA PRO A 47 -2.44 13.57 -5.78
C PRO A 47 -3.23 12.95 -4.65
N LEU A 48 -2.58 12.17 -3.78
CA LEU A 48 -3.20 11.46 -2.68
C LEU A 48 -3.22 12.28 -1.39
N ASP A 49 -2.47 13.39 -1.35
CA ASP A 49 -2.41 14.24 -0.17
C ASP A 49 -3.63 15.17 -0.15
N LYS A 50 -4.79 14.55 -0.07
CA LYS A 50 -6.03 15.30 -0.09
C LYS A 50 -6.90 14.83 1.06
N THR A 51 -7.54 15.78 1.73
CA THR A 51 -8.30 15.45 2.93
C THR A 51 -9.40 14.43 2.62
N ASP A 52 -10.09 14.60 1.49
CA ASP A 52 -11.01 13.60 0.94
C ASP A 52 -10.44 12.19 1.01
N PHE A 53 -9.28 12.00 0.39
CA PHE A 53 -8.67 10.67 0.29
C PHE A 53 -8.15 10.17 1.64
N ILE A 54 -7.67 11.09 2.48
CA ILE A 54 -7.21 10.71 3.81
C ILE A 54 -8.37 10.17 4.66
N VAL A 55 -9.51 10.86 4.65
CA VAL A 55 -10.66 10.39 5.41
C VAL A 55 -11.12 9.02 4.92
N ALA A 56 -11.25 8.87 3.59
CA ALA A 56 -11.66 7.60 2.97
C ALA A 56 -10.74 6.45 3.36
N MET A 57 -9.43 6.70 3.34
CA MET A 57 -8.48 5.71 3.85
C MET A 57 -8.71 5.45 5.34
N ALA A 58 -9.06 6.49 6.09
CA ALA A 58 -9.35 6.31 7.51
C ALA A 58 -10.56 5.43 7.71
N ILE A 59 -11.65 5.72 7.00
CA ILE A 59 -12.83 4.87 7.06
C ILE A 59 -12.47 3.45 6.64
N ALA A 60 -11.57 3.32 5.68
CA ALA A 60 -11.28 2.03 5.08
C ALA A 60 -10.54 1.10 6.04
N VAL A 61 -9.50 1.61 6.73
CA VAL A 61 -8.76 0.77 7.65
C VAL A 61 -9.58 0.45 8.89
N GLU A 62 -10.49 1.34 9.28
CA GLU A 62 -11.35 1.02 10.41
C GLU A 62 -12.33 -0.08 10.03
N GLN A 63 -12.88 -0.03 8.82
CA GLN A 63 -13.72 -1.12 8.31
C GLN A 63 -12.95 -2.44 8.26
N ALA A 64 -11.67 -2.40 7.94
CA ALA A 64 -10.82 -3.59 7.90
C ALA A 64 -10.29 -4.04 9.29
N GLY A 65 -10.59 -3.35 10.38
CA GLY A 65 -10.19 -3.82 11.70
C GLY A 65 -9.06 -3.07 12.41
N ALA A 66 -8.59 -1.95 11.86
CA ALA A 66 -7.59 -1.14 12.53
C ALA A 66 -8.19 -0.56 13.82
N LYS A 67 -7.38 -0.53 14.88
CA LYS A 67 -7.90 -0.03 16.15
C LYS A 67 -7.47 1.39 16.46
N ALA A 68 -6.57 1.98 15.67
CA ALA A 68 -6.05 3.31 15.96
C ALA A 68 -5.34 3.87 14.74
N LEU A 69 -5.20 5.20 14.72
CA LEU A 69 -4.57 5.91 13.62
C LEU A 69 -3.63 6.99 14.11
N ARG A 70 -2.69 7.35 13.25
CA ARG A 70 -1.87 8.55 13.40
C ARG A 70 -2.18 9.47 12.23
N ILE A 71 -2.62 10.68 12.54
CA ILE A 71 -3.07 11.67 11.57
C ILE A 71 -2.26 12.93 11.75
N GLU A 72 -1.89 13.55 10.63
CA GLU A 72 -1.11 14.75 10.63
C GLU A 72 -1.96 15.91 10.14
N GLY A 73 -2.07 16.95 10.95
CA GLY A 73 -2.74 18.18 10.61
C GLY A 73 -4.03 18.38 11.39
N VAL A 74 -4.24 19.60 11.87
CA VAL A 74 -5.39 19.88 12.72
C VAL A 74 -6.69 19.66 11.95
N SER A 75 -6.76 20.15 10.70
CA SER A 75 -7.95 19.96 9.88
C SER A 75 -8.20 18.50 9.57
N ASN A 76 -7.13 17.74 9.24
CA ASN A 76 -7.30 16.31 8.98
C ASN A 76 -7.74 15.59 10.24
N VAL A 77 -7.06 15.84 11.37
CA VAL A 77 -7.48 15.25 12.64
C VAL A 77 -8.95 15.54 12.89
N ALA A 78 -9.37 16.78 12.68
CA ALA A 78 -10.77 17.14 12.84
C ALA A 78 -11.65 16.37 11.86
N ALA A 79 -11.23 16.31 10.60
CA ALA A 79 -12.03 15.64 9.58
C ALA A 79 -12.12 14.14 9.84
N VAL A 80 -11.00 13.49 10.12
CA VAL A 80 -11.05 12.05 10.37
C VAL A 80 -11.82 11.74 11.65
N SER A 81 -11.65 12.56 12.71
CA SER A 81 -12.36 12.26 13.95
C SER A 81 -13.89 12.41 13.80
N ALA A 82 -14.37 13.13 12.78
CA ALA A 82 -15.80 13.24 12.50
C ALA A 82 -16.34 12.09 11.64
N ALA A 83 -15.45 11.23 11.12
CA ALA A 83 -15.82 10.16 10.21
C ALA A 83 -15.56 8.78 10.78
N VAL A 84 -14.58 8.62 11.65
CA VAL A 84 -14.32 7.34 12.30
C VAL A 84 -14.56 7.49 13.80
N THR A 85 -14.45 6.39 14.55
CA THR A 85 -14.60 6.42 16.00
C THR A 85 -13.40 5.87 16.75
N ILE A 86 -12.37 5.41 16.05
CA ILE A 86 -11.20 4.82 16.68
C ILE A 86 -10.27 5.94 17.12
N PRO A 87 -9.42 5.70 18.12
CA PRO A 87 -8.53 6.75 18.62
C PRO A 87 -7.59 7.31 17.56
N ILE A 88 -7.28 8.59 17.70
CA ILE A 88 -6.37 9.30 16.82
C ILE A 88 -5.20 9.82 17.63
N ILE A 89 -3.99 9.53 17.17
CA ILE A 89 -2.77 10.18 17.64
C ILE A 89 -2.53 11.36 16.70
N GLY A 90 -2.76 12.57 17.19
CA GLY A 90 -2.65 13.76 16.36
C GLY A 90 -1.25 14.33 16.34
N ILE A 91 -0.87 14.89 15.18
CA ILE A 91 0.41 15.60 15.05
C ILE A 91 0.25 16.74 14.06
N VAL A 92 1.20 17.67 14.12
CA VAL A 92 1.37 18.70 13.10
C VAL A 92 2.86 18.72 12.81
N LYS A 93 3.22 18.43 11.58
CA LYS A 93 4.61 18.33 11.17
C LYS A 93 5.01 19.59 10.42
N ARG A 94 6.01 20.28 10.94
CA ARG A 94 6.45 21.54 10.36
C ARG A 94 7.96 21.49 10.18
N ASP A 95 8.43 21.80 9.00
CA ASP A 95 9.86 21.90 8.71
C ASP A 95 10.29 23.36 8.84
N LEU A 96 10.91 23.66 9.87
CA LEU A 96 11.33 24.98 10.29
C LEU A 96 12.69 25.34 9.67
N PRO A 97 12.92 26.63 9.43
CA PRO A 97 14.23 27.06 8.93
C PRO A 97 15.28 27.18 10.03
N ASP A 98 14.86 27.21 11.29
CA ASP A 98 15.74 27.48 12.42
C ASP A 98 15.95 26.28 13.33
N SER A 99 15.36 25.13 13.02
CA SER A 99 15.37 24.00 13.95
C SER A 99 15.16 22.71 13.20
N PRO A 100 15.74 21.60 13.68
CA PRO A 100 15.46 20.28 13.08
C PRO A 100 14.22 19.60 13.64
N VAL A 101 13.56 20.18 14.64
CA VAL A 101 12.37 19.57 15.21
C VAL A 101 11.20 19.75 14.26
N ARG A 102 10.45 18.67 14.01
CA ARG A 102 9.31 18.68 13.09
C ARG A 102 7.99 18.33 13.75
N ILE A 103 8.00 17.37 14.67
CA ILE A 103 6.77 16.75 15.17
C ILE A 103 6.19 17.64 16.27
N THR A 104 5.08 18.31 15.97
CA THR A 104 4.33 19.19 16.88
C THR A 104 5.25 20.06 17.73
N PRO A 105 5.80 21.12 17.16
CA PRO A 105 6.76 21.96 17.90
C PRO A 105 6.19 23.21 18.55
N PHE A 106 4.88 23.44 18.49
CA PHE A 106 4.30 24.63 19.09
C PHE A 106 3.14 24.28 20.00
N VAL A 107 2.98 25.07 21.06
CA VAL A 107 1.87 24.89 21.99
C VAL A 107 0.54 25.18 21.33
N SER A 108 0.52 26.07 20.34
CA SER A 108 -0.70 26.32 19.57
C SER A 108 -1.09 25.11 18.74
N ASP A 109 -0.11 24.31 18.30
CA ASP A 109 -0.47 23.07 17.59
C ASP A 109 -1.09 22.07 18.55
N VAL A 110 -0.59 22.00 19.78
CA VAL A 110 -1.16 21.14 20.82
C VAL A 110 -2.62 21.50 21.07
N ASP A 111 -2.92 22.80 21.12
CA ASP A 111 -4.29 23.22 21.44
C ASP A 111 -5.24 22.91 20.29
N GLY A 112 -4.82 23.13 19.05
CA GLY A 112 -5.69 22.85 17.91
C GLY A 112 -5.96 21.37 17.74
N LEU A 113 -4.94 20.54 17.95
CA LEU A 113 -5.13 19.10 17.83
C LEU A 113 -6.15 18.59 18.85
N ALA A 114 -6.11 19.14 20.07
CA ALA A 114 -7.05 18.72 21.10
C ALA A 114 -8.48 19.11 20.76
N ASN A 115 -8.67 20.34 20.28
CA ASN A 115 -9.97 20.77 19.79
C ASN A 115 -10.38 20.07 18.48
N ALA A 116 -9.43 19.41 17.80
CA ALA A 116 -9.71 18.66 16.60
C ALA A 116 -10.19 17.22 16.85
N GLY A 117 -9.97 16.68 18.04
CA GLY A 117 -10.51 15.38 18.37
C GLY A 117 -9.48 14.28 18.61
N ALA A 118 -8.21 14.66 18.74
CA ALA A 118 -7.18 13.68 19.01
C ALA A 118 -7.22 13.21 20.48
N THR A 119 -7.04 11.90 20.68
CA THR A 119 -6.96 11.28 21.99
C THR A 119 -5.54 11.31 22.55
N VAL A 120 -4.57 10.95 21.72
CA VAL A 120 -3.15 11.04 22.04
C VAL A 120 -2.55 12.10 21.12
N ILE A 121 -1.61 12.88 21.64
CA ILE A 121 -0.88 13.88 20.88
C ILE A 121 0.59 13.58 21.00
N ALA A 122 1.25 13.33 19.88
CA ALA A 122 2.66 13.00 19.88
C ALA A 122 3.50 14.24 19.58
N PHE A 123 4.70 14.29 20.16
CA PHE A 123 5.58 15.42 19.94
C PHE A 123 7.03 14.93 19.93
N ASP A 124 7.89 15.72 19.27
CA ASP A 124 9.34 15.52 19.31
C ASP A 124 9.88 15.77 20.72
N ALA A 125 10.49 14.74 21.32
CA ALA A 125 11.01 14.79 22.68
C ALA A 125 12.54 14.81 22.73
N THR A 126 13.17 15.14 21.62
CA THR A 126 14.63 15.21 21.57
C THR A 126 15.14 16.50 22.21
N ASN A 127 16.37 16.43 22.70
CA ASN A 127 17.02 17.58 23.33
C ASN A 127 17.80 18.36 22.27
N ARG A 128 17.08 18.83 21.26
CA ARG A 128 17.64 19.57 20.15
C ARG A 128 17.11 21.00 20.20
N THR A 129 17.58 21.81 19.25
CA THR A 129 17.16 23.21 19.18
C THR A 129 15.67 23.25 18.82
N ARG A 130 14.93 24.12 19.49
CA ARG A 130 13.49 24.04 19.45
C ARG A 130 12.92 25.43 19.60
N PRO A 131 11.78 25.71 18.99
CA PRO A 131 11.11 26.98 19.28
C PRO A 131 10.49 26.98 20.68
N GLU A 132 9.99 25.84 21.15
CA GLU A 132 9.48 25.73 22.50
C GLU A 132 10.12 24.55 23.20
N SER A 133 10.35 24.68 24.50
CA SER A 133 11.03 23.62 25.23
C SER A 133 10.19 22.35 25.20
N ARG A 134 10.85 21.20 25.28
CA ARG A 134 10.09 19.95 25.28
C ARG A 134 9.26 19.81 26.54
N GLU A 135 9.75 20.33 27.66
CA GLU A 135 8.96 20.35 28.88
C GLU A 135 7.67 21.15 28.70
N ARG A 136 7.77 22.30 28.02
CA ARG A 136 6.59 23.15 27.85
C ARG A 136 5.57 22.54 26.88
N ILE A 137 6.02 21.82 25.86
CA ILE A 137 5.09 21.13 24.97
C ILE A 137 4.33 20.05 25.74
N ALA A 138 5.06 19.24 26.51
CA ALA A 138 4.46 18.15 27.30
C ALA A 138 3.42 18.65 28.29
N GLN A 139 3.64 19.81 28.89
CA GLN A 139 2.63 20.27 29.85
C GLN A 139 1.44 20.88 29.12
N ALA A 140 1.64 21.43 27.92
CA ALA A 140 0.51 21.90 27.13
C ALA A 140 -0.42 20.75 26.77
N ILE A 141 0.14 19.58 26.47
CA ILE A 141 -0.71 18.43 26.16
C ILE A 141 -1.53 18.05 27.39
N LYS A 142 -0.84 17.77 28.50
CA LYS A 142 -1.53 17.44 29.75
C LYS A 142 -2.63 18.46 30.06
N ASN A 143 -2.38 19.75 29.81
CA ASN A 143 -3.39 20.76 30.08
C ASN A 143 -4.66 20.52 29.27
N THR A 144 -4.57 19.87 28.10
CA THR A 144 -5.78 19.64 27.32
C THR A 144 -6.61 18.50 27.88
N GLY A 145 -5.97 17.52 28.54
CA GLY A 145 -6.61 16.28 28.90
C GLY A 145 -6.23 15.11 28.01
N CYS A 146 -5.63 15.38 26.86
CA CYS A 146 -5.15 14.31 25.99
C CYS A 146 -3.98 13.58 26.64
N PHE A 147 -3.86 12.31 26.33
CA PHE A 147 -2.63 11.60 26.62
C PHE A 147 -1.48 12.16 25.77
N ALA A 148 -0.27 11.92 26.22
CA ALA A 148 0.92 12.36 25.51
C ALA A 148 1.69 11.16 24.99
N MET A 149 2.17 11.28 23.75
CA MET A 149 3.09 10.31 23.18
C MET A 149 4.38 11.05 22.86
N ALA A 150 5.50 10.49 23.29
CA ALA A 150 6.80 11.05 23.07
C ALA A 150 7.46 10.29 21.93
N ASP A 151 7.76 11.00 20.84
CA ASP A 151 8.56 10.45 19.75
C ASP A 151 10.03 10.69 20.06
N CYS A 152 10.76 9.61 20.32
CA CYS A 152 12.12 9.68 20.83
C CYS A 152 13.12 9.21 19.79
N SER A 153 14.38 9.65 19.97
CA SER A 153 15.50 9.24 19.14
C SER A 153 16.48 8.34 19.87
N THR A 154 16.61 8.50 21.19
CA THR A 154 17.51 7.72 22.01
C THR A 154 16.79 7.29 23.28
N PHE A 155 17.43 6.39 24.04
CA PHE A 155 16.85 5.97 25.31
C PHE A 155 16.71 7.15 26.25
N GLU A 156 17.69 8.05 26.24
CA GLU A 156 17.68 9.18 27.17
C GLU A 156 16.44 10.05 26.99
N ASP A 157 15.91 10.11 25.74
CA ASP A 157 14.68 10.84 25.46
C ASP A 157 13.46 10.15 26.09
N GLY A 158 13.50 8.82 26.25
CA GLY A 158 12.44 8.11 26.95
C GLY A 158 12.47 8.32 28.45
N LEU A 159 13.67 8.29 29.06
CA LEU A 159 13.83 8.65 30.47
C LEU A 159 13.33 10.06 30.74
N TRP A 160 13.70 11.01 29.89
CA TRP A 160 13.19 12.37 30.07
C TRP A 160 11.67 12.38 30.00
N ALA A 161 11.08 11.66 29.03
CA ALA A 161 9.62 11.59 28.94
C ALA A 161 9.02 10.99 30.19
N ASN A 162 9.61 9.90 30.68
CA ASN A 162 9.11 9.25 31.88
C ASN A 162 9.17 10.18 33.08
N SER A 163 10.24 10.99 33.18
CA SER A 163 10.37 11.91 34.30
C SER A 163 9.29 12.98 34.28
N GLN A 164 8.66 13.22 33.12
CA GLN A 164 7.63 14.24 33.00
C GLN A 164 6.22 13.68 33.02
N GLY A 165 6.07 12.39 33.33
CA GLY A 165 4.74 11.80 33.37
C GLY A 165 4.11 11.51 32.03
N VAL A 166 4.92 11.28 30.99
CA VAL A 166 4.41 11.08 29.63
C VAL A 166 3.92 9.64 29.47
N GLU A 167 2.70 9.49 28.96
CA GLU A 167 2.03 8.20 28.99
C GLU A 167 2.64 7.20 28.00
N ILE A 168 3.10 7.68 26.83
CA ILE A 168 3.59 6.82 25.75
C ILE A 168 4.98 7.30 25.31
N VAL A 169 5.88 6.34 25.04
CA VAL A 169 7.15 6.63 24.38
C VAL A 169 7.25 5.81 23.08
N GLY A 170 7.77 6.42 22.01
CA GLY A 170 7.93 5.74 20.75
C GLY A 170 9.29 5.92 20.12
N SER A 171 9.69 4.90 19.34
CA SER A 171 10.97 4.88 18.61
C SER A 171 10.87 5.64 17.29
N THR A 172 9.97 6.60 17.22
CA THR A 172 9.66 7.31 15.98
C THR A 172 10.91 8.02 15.39
N LEU A 173 11.74 8.64 16.24
CA LEU A 173 12.80 9.52 15.76
C LEU A 173 14.17 8.88 15.76
N SER A 174 14.24 7.58 16.06
CA SER A 174 15.48 6.84 15.95
C SER A 174 15.96 6.82 14.51
N GLY A 175 17.19 7.27 14.27
CA GLY A 175 17.78 7.23 12.95
C GLY A 175 17.56 8.46 12.10
N TYR A 176 16.78 9.42 12.58
CA TYR A 176 16.39 10.61 11.84
C TYR A 176 16.97 11.88 12.43
N VAL A 177 18.17 11.77 13.01
CA VAL A 177 18.79 12.93 13.63
C VAL A 177 20.25 13.11 13.18
N PRO A 182 18.70 5.37 7.21
CA PRO A 182 18.71 4.00 7.74
C PRO A 182 17.53 3.22 7.20
N THR A 183 17.67 1.92 7.07
CA THR A 183 16.68 1.12 6.36
C THR A 183 15.97 0.11 7.25
N VAL A 184 16.70 -0.54 8.16
CA VAL A 184 16.09 -1.48 9.08
C VAL A 184 15.52 -0.70 10.27
N PRO A 185 14.41 -1.14 10.85
CA PRO A 185 13.91 -0.48 12.06
C PRO A 185 14.79 -0.80 13.26
N ASP A 186 14.70 0.03 14.29
CA ASP A 186 15.59 -0.06 15.45
C ASP A 186 14.93 -0.88 16.56
N PHE A 187 15.26 -2.17 16.60
CA PHE A 187 14.66 -3.07 17.58
C PHE A 187 15.26 -2.90 18.97
N GLN A 188 16.53 -2.48 19.07
CA GLN A 188 17.15 -2.36 20.37
C GLN A 188 16.51 -1.27 21.22
N LEU A 189 16.05 -0.18 20.60
CA LEU A 189 15.42 0.88 21.36
C LEU A 189 14.05 0.47 21.89
N VAL A 190 13.29 -0.28 21.09
CA VAL A 190 11.98 -0.71 21.58
C VAL A 190 12.13 -1.77 22.66
N LYS A 191 13.15 -2.61 22.58
CA LYS A 191 13.43 -3.52 23.70
C LYS A 191 13.77 -2.74 24.97
N ALA A 192 14.69 -1.78 24.87
CA ALA A 192 15.12 -1.04 26.05
C ALA A 192 13.96 -0.25 26.66
N PHE A 193 13.16 0.42 25.83
CA PHE A 193 11.98 1.10 26.37
C PHE A 193 11.08 0.10 27.08
N SER A 194 10.98 -1.11 26.55
CA SER A 194 10.18 -2.16 27.18
C SER A 194 10.87 -2.74 28.42
N GLU A 195 12.20 -2.82 28.40
CA GLU A 195 12.88 -3.37 29.56
C GLU A 195 12.80 -2.43 30.75
N ALA A 196 12.63 -1.13 30.49
CA ALA A 196 12.39 -0.13 31.53
C ALA A 196 10.99 -0.14 32.10
N GLY A 197 10.03 -0.79 31.43
CA GLY A 197 8.65 -0.78 31.87
C GLY A 197 7.81 0.32 31.28
N PHE A 198 8.27 0.98 30.21
CA PHE A 198 7.49 2.02 29.56
C PHE A 198 6.39 1.42 28.67
N PHE A 199 5.35 2.21 28.43
CA PHE A 199 4.31 1.94 27.43
C PHE A 199 4.88 2.28 26.04
N THR A 200 5.43 1.26 25.39
CA THR A 200 6.29 1.42 24.23
C THR A 200 5.54 1.20 22.92
N MET A 201 5.63 2.17 22.03
CA MET A 201 5.11 2.11 20.68
C MET A 201 6.31 2.03 19.73
N ALA A 202 6.44 0.91 19.03
CA ALA A 202 7.42 0.80 17.97
C ALA A 202 6.93 1.49 16.69
N GLU A 203 7.72 2.42 16.19
CA GLU A 203 7.37 3.22 15.02
C GLU A 203 8.65 3.62 14.31
N GLY A 204 8.65 3.46 12.98
CA GLY A 204 9.78 3.80 12.14
C GLY A 204 10.28 2.62 11.33
N ARG A 205 9.81 2.56 10.08
CA ARG A 205 10.31 1.69 9.02
C ARG A 205 10.08 0.20 9.28
N TYR A 206 9.05 -0.12 10.07
CA TYR A 206 8.54 -1.50 10.21
C TYR A 206 7.67 -1.78 8.98
N ASN A 207 8.35 -2.16 7.91
CA ASN A 207 7.78 -2.12 6.57
C ASN A 207 7.10 -3.41 6.11
N THR A 208 7.22 -4.51 6.84
CA THR A 208 6.55 -5.77 6.52
C THR A 208 5.83 -6.31 7.74
N PRO A 209 4.84 -7.19 7.53
CA PRO A 209 4.16 -7.81 8.70
C PRO A 209 5.07 -8.63 9.57
N GLU A 210 6.15 -9.21 9.03
CA GLU A 210 7.10 -9.93 9.87
C GLU A 210 7.93 -8.98 10.73
N LEU A 211 8.32 -7.83 10.18
CA LEU A 211 9.06 -6.85 10.97
C LEU A 211 8.20 -6.25 12.07
N ALA A 212 6.91 -6.01 11.79
CA ALA A 212 6.01 -5.50 12.81
C ALA A 212 5.66 -6.56 13.85
N ALA A 213 5.79 -7.85 13.50
CA ALA A 213 5.54 -8.92 14.46
C ALA A 213 6.70 -9.08 15.44
N LYS A 214 7.94 -8.91 14.96
CA LYS A 214 9.09 -9.00 15.83
C LYS A 214 9.22 -7.79 16.74
N ALA A 215 8.63 -6.66 16.36
CA ALA A 215 8.55 -5.52 17.26
C ALA A 215 7.71 -5.86 18.49
N ILE A 216 6.59 -6.55 18.29
CA ILE A 216 5.73 -6.91 19.43
C ILE A 216 6.46 -7.86 20.37
N GLU A 217 7.11 -8.90 19.83
CA GLU A 217 7.91 -9.77 20.68
C GLU A 217 9.18 -9.08 21.17
N SER A 218 9.59 -8.00 20.52
CA SER A 218 10.63 -7.16 21.07
C SER A 218 10.13 -6.41 22.29
N GLY A 219 8.83 -6.46 22.58
CA GLY A 219 8.28 -5.87 23.77
C GLY A 219 7.26 -4.77 23.56
N ALA A 220 7.03 -4.34 22.32
CA ALA A 220 6.11 -3.24 22.08
C ALA A 220 4.67 -3.64 22.40
N VAL A 221 3.91 -2.66 22.88
CA VAL A 221 2.48 -2.85 23.07
C VAL A 221 1.77 -2.84 21.72
N ALA A 222 2.14 -1.87 20.89
CA ALA A 222 1.62 -1.69 19.55
C ALA A 222 2.77 -1.24 18.65
N VAL A 223 2.49 -1.18 17.36
CA VAL A 223 3.45 -0.75 16.36
C VAL A 223 2.72 0.13 15.37
N THR A 224 3.37 1.22 14.97
CA THR A 224 2.80 2.17 14.02
C THR A 224 3.49 2.01 12.67
N VAL A 225 2.69 1.92 11.62
CA VAL A 225 3.22 1.70 10.29
C VAL A 225 2.57 2.69 9.32
N GLY A 226 3.39 3.35 8.51
CA GLY A 226 2.91 4.35 7.57
C GLY A 226 3.24 4.12 6.09
N SER A 227 4.53 4.23 5.76
CA SER A 227 4.97 4.20 4.38
C SER A 227 4.49 2.94 3.66
N ALA A 228 4.67 1.78 4.29
CA ALA A 228 4.29 0.53 3.67
C ALA A 228 2.78 0.41 3.45
N LEU A 229 1.98 1.33 3.98
CA LEU A 229 0.52 1.29 3.87
C LEU A 229 -0.10 2.48 3.17
N THR A 230 0.36 3.71 3.44
CA THR A 230 -0.33 4.90 2.93
C THR A 230 0.56 5.83 2.11
N ARG A 231 1.68 5.32 1.61
CA ARG A 231 2.53 6.08 0.71
C ARG A 231 2.76 5.24 -0.55
N LEU A 232 1.83 5.32 -1.49
CA LEU A 232 1.87 4.49 -2.69
C LEU A 232 3.13 4.76 -3.52
N GLU A 233 3.51 6.03 -3.66
CA GLU A 233 4.72 6.37 -4.43
C GLU A 233 5.94 5.65 -3.89
N VAL A 234 6.07 5.61 -2.56
CA VAL A 234 7.20 4.97 -1.88
C VAL A 234 7.19 3.46 -2.13
N VAL A 235 6.06 2.80 -1.88
CA VAL A 235 6.01 1.33 -2.02
C VAL A 235 6.22 0.95 -3.48
N THR A 236 5.67 1.77 -4.40
CA THR A 236 5.91 1.56 -5.82
C THR A 236 7.40 1.57 -6.16
N GLN A 237 8.13 2.57 -5.65
CA GLN A 237 9.57 2.66 -5.93
C GLN A 237 10.35 1.54 -5.24
N TRP A 238 9.81 0.97 -4.16
CA TRP A 238 10.43 -0.21 -3.58
C TRP A 238 10.38 -1.38 -4.54
N PHE A 239 9.26 -1.54 -5.26
CA PHE A 239 9.11 -2.67 -6.18
C PHE A 239 9.93 -2.48 -7.46
N ASN A 240 9.82 -1.31 -8.10
CA ASN A 240 10.54 -1.11 -9.36
C ASN A 240 12.06 -1.22 -9.18
N ASN A 241 12.58 -0.73 -8.05
CA ASN A 241 14.02 -0.81 -7.81
C ASN A 241 14.50 -2.25 -7.82
N ALA A 242 13.69 -3.17 -7.30
CA ALA A 242 14.09 -4.57 -7.23
C ALA A 242 13.78 -5.32 -8.52
N THR A 243 12.70 -4.97 -9.23
CA THR A 243 12.45 -5.60 -10.52
C THR A 243 13.40 -5.03 -11.58
N GLN A 244 13.72 -3.75 -11.50
CA GLN A 244 14.58 -3.15 -12.51
C GLN A 244 16.02 -3.66 -12.38
N ALA A 245 16.51 -3.81 -11.15
CA ALA A 245 17.86 -4.30 -10.95
C ALA A 245 18.03 -5.72 -11.50
N ALA A 246 17.00 -6.55 -11.36
CA ALA A 246 17.06 -7.89 -11.95
C ALA A 246 17.07 -7.82 -13.47
N GLY A 247 16.32 -6.88 -14.04
CA GLY A 247 16.21 -6.75 -15.48
C GLY A 247 17.44 -6.21 -16.17
N GLU A 248 18.57 -6.18 -15.48
CA GLU A 248 19.81 -5.78 -16.11
C GLU A 248 20.80 -6.95 -16.23
N LEU B 23 3.58 1.54 -32.51
CA LEU B 23 4.57 0.87 -31.69
C LEU B 23 4.29 -0.62 -31.62
N ASN B 24 5.17 -1.42 -32.19
CA ASN B 24 4.93 -2.84 -32.34
C ASN B 24 5.07 -3.54 -30.99
N ILE B 25 5.11 -4.88 -31.02
CA ILE B 25 5.03 -5.65 -29.78
C ILE B 25 6.37 -5.65 -29.05
N GLU B 26 7.47 -5.84 -29.78
CA GLU B 26 8.80 -5.87 -29.17
C GLU B 26 9.17 -4.52 -28.57
N GLU B 27 8.61 -3.43 -29.09
CA GLU B 27 8.79 -2.14 -28.44
C GLU B 27 8.18 -2.15 -27.04
N LEU B 28 6.97 -2.67 -26.93
CA LEU B 28 6.36 -2.81 -25.61
C LEU B 28 7.20 -3.71 -24.74
N LYS B 29 7.79 -4.75 -25.34
CA LYS B 29 8.60 -5.71 -24.59
C LYS B 29 9.88 -5.05 -24.06
N ARG B 30 10.53 -4.21 -24.87
CA ARG B 30 11.66 -3.41 -24.42
C ARG B 30 11.24 -2.35 -23.42
N PHE B 31 10.05 -1.77 -23.62
CA PHE B 31 9.59 -0.74 -22.71
C PHE B 31 9.22 -1.33 -21.35
N LEU B 32 8.70 -2.56 -21.32
CA LEU B 32 8.26 -3.20 -20.09
C LEU B 32 9.29 -4.11 -19.46
N ASN B 33 10.49 -4.19 -20.03
CA ASN B 33 11.46 -5.15 -19.51
C ASN B 33 11.89 -4.74 -18.11
N GLY B 34 11.77 -5.67 -17.17
CA GLY B 34 12.13 -5.42 -15.79
C GLY B 34 11.21 -4.50 -15.03
N GLN B 35 10.04 -4.17 -15.58
CA GLN B 35 9.17 -3.18 -14.96
C GLN B 35 8.15 -3.86 -14.06
N THR B 36 7.68 -3.11 -13.05
CA THR B 36 6.59 -3.51 -12.17
C THR B 36 5.31 -2.84 -12.68
N VAL B 37 4.32 -3.65 -13.04
CA VAL B 37 3.04 -3.13 -13.50
C VAL B 37 2.10 -3.06 -12.31
N VAL B 38 1.55 -1.88 -12.07
CA VAL B 38 0.75 -1.61 -10.89
C VAL B 38 -0.71 -1.87 -11.27
N SER B 39 -1.32 -2.89 -10.67
CA SER B 39 -2.74 -3.16 -10.88
C SER B 39 -3.53 -2.37 -9.87
N ILE B 40 -4.19 -1.31 -10.34
CA ILE B 40 -4.98 -0.44 -9.47
C ILE B 40 -6.42 -0.95 -9.51
N GLN B 41 -6.76 -1.81 -8.56
CA GLN B 41 -8.12 -2.36 -8.45
C GLN B 41 -8.49 -2.40 -6.96
N PRO B 42 -9.00 -1.30 -6.43
CA PRO B 42 -9.43 -1.28 -5.04
C PRO B 42 -10.50 -2.33 -4.79
N VAL B 43 -10.63 -2.70 -3.52
CA VAL B 43 -11.61 -3.71 -3.15
C VAL B 43 -13.02 -3.19 -3.40
N THR B 44 -13.91 -4.07 -3.81
CA THR B 44 -15.27 -3.66 -4.12
C THR B 44 -16.02 -3.22 -2.86
N GLY B 45 -16.79 -2.15 -2.98
CA GLY B 45 -17.55 -1.62 -1.87
C GLY B 45 -16.78 -0.71 -0.91
N SER B 46 -15.48 -0.54 -1.12
CA SER B 46 -14.66 0.27 -0.25
C SER B 46 -15.01 1.75 -0.42
N PRO B 47 -14.74 2.58 0.59
CA PRO B 47 -14.74 4.03 0.34
C PRO B 47 -13.74 4.40 -0.72
N LEU B 48 -12.77 3.51 -0.98
CA LEU B 48 -11.70 3.73 -1.94
C LEU B 48 -12.04 3.26 -3.35
N ASP B 49 -13.15 2.55 -3.52
CA ASP B 49 -13.55 2.08 -4.85
C ASP B 49 -14.27 3.19 -5.61
N LYS B 50 -13.54 4.29 -5.86
CA LYS B 50 -14.07 5.42 -6.59
C LYS B 50 -13.13 5.83 -7.71
N THR B 51 -13.73 6.19 -8.86
CA THR B 51 -12.96 6.51 -10.07
C THR B 51 -12.01 7.67 -9.83
N ASP B 52 -12.44 8.73 -9.15
CA ASP B 52 -11.52 9.78 -8.68
C ASP B 52 -10.26 9.21 -8.03
N PHE B 53 -10.44 8.40 -6.98
CA PHE B 53 -9.30 7.95 -6.20
C PHE B 53 -8.42 7.04 -7.04
N ILE B 54 -9.03 6.30 -7.96
CA ILE B 54 -8.29 5.44 -8.88
C ILE B 54 -7.39 6.30 -9.77
N VAL B 55 -7.97 7.34 -10.36
CA VAL B 55 -7.22 8.21 -11.25
C VAL B 55 -6.09 8.87 -10.49
N ALA B 56 -6.35 9.28 -9.25
CA ALA B 56 -5.30 9.85 -8.42
C ALA B 56 -4.15 8.87 -8.25
N MET B 57 -4.46 7.62 -7.89
CA MET B 57 -3.40 6.63 -7.76
C MET B 57 -2.67 6.41 -9.08
N ALA B 58 -3.40 6.43 -10.19
CA ALA B 58 -2.77 6.27 -11.51
C ALA B 58 -1.81 7.42 -11.79
N ILE B 59 -2.26 8.65 -11.52
CA ILE B 59 -1.38 9.82 -11.65
C ILE B 59 -0.15 9.69 -10.74
N ALA B 60 -0.35 9.21 -9.50
CA ALA B 60 0.74 9.20 -8.52
C ALA B 60 1.81 8.16 -8.83
N VAL B 61 1.41 6.94 -9.24
CA VAL B 61 2.41 5.92 -9.52
C VAL B 61 3.16 6.23 -10.81
N GLU B 62 2.53 6.97 -11.73
CA GLU B 62 3.24 7.40 -12.93
C GLU B 62 4.30 8.44 -12.57
N GLN B 63 4.01 9.32 -11.60
CA GLN B 63 5.03 10.22 -11.07
C GLN B 63 6.17 9.46 -10.41
N ALA B 64 5.87 8.35 -9.76
CA ALA B 64 6.89 7.56 -9.09
C ALA B 64 7.69 6.70 -10.05
N GLY B 65 7.35 6.68 -11.33
CA GLY B 65 8.14 5.95 -12.31
C GLY B 65 7.52 4.68 -12.86
N ALA B 66 6.28 4.34 -12.50
CA ALA B 66 5.65 3.15 -13.07
C ALA B 66 5.37 3.35 -14.56
N LYS B 67 5.68 2.33 -15.35
CA LYS B 67 5.60 2.41 -16.80
C LYS B 67 4.36 1.76 -17.40
N ALA B 68 3.52 1.14 -16.58
CA ALA B 68 2.33 0.48 -17.09
C ALA B 68 1.37 0.24 -15.93
N LEU B 69 0.10 0.07 -16.26
CA LEU B 69 -0.94 -0.14 -15.25
C LEU B 69 -1.90 -1.23 -15.72
N ARG B 70 -2.60 -1.81 -14.75
CA ARG B 70 -3.78 -2.62 -15.02
C ARG B 70 -4.97 -1.97 -14.33
N ILE B 71 -6.00 -1.63 -15.10
CA ILE B 71 -7.19 -0.96 -14.61
C ILE B 71 -8.40 -1.81 -14.99
N GLU B 72 -9.41 -1.85 -14.13
CA GLU B 72 -10.63 -2.62 -14.36
C GLU B 72 -11.83 -1.71 -14.51
N GLY B 73 -12.57 -1.88 -15.61
CA GLY B 73 -13.81 -1.18 -15.85
C GLY B 73 -13.67 -0.14 -16.95
N VAL B 74 -14.67 -0.09 -17.82
CA VAL B 74 -14.61 0.80 -18.99
C VAL B 74 -14.51 2.27 -18.57
N SER B 75 -15.31 2.68 -17.59
CA SER B 75 -15.26 4.06 -17.11
C SER B 75 -13.91 4.39 -16.46
N ASN B 76 -13.34 3.46 -15.70
CA ASN B 76 -12.04 3.73 -15.11
C ASN B 76 -10.96 3.83 -16.19
N VAL B 77 -10.94 2.87 -17.12
CA VAL B 77 -10.00 2.93 -18.26
C VAL B 77 -10.15 4.25 -19.01
N ALA B 78 -11.39 4.69 -19.22
CA ALA B 78 -11.61 6.00 -19.83
C ALA B 78 -11.03 7.13 -18.97
N ALA B 79 -11.35 7.12 -17.68
CA ALA B 79 -10.90 8.19 -16.79
C ALA B 79 -9.39 8.17 -16.62
N VAL B 80 -8.79 6.99 -16.51
CA VAL B 80 -7.34 6.93 -16.38
C VAL B 80 -6.64 7.31 -17.68
N SER B 81 -7.11 6.81 -18.83
CA SER B 81 -6.40 7.08 -20.09
C SER B 81 -6.38 8.56 -20.43
N ALA B 82 -7.28 9.36 -19.85
CA ALA B 82 -7.25 10.79 -20.07
C ALA B 82 -6.27 11.53 -19.19
N ALA B 83 -5.73 10.86 -18.17
CA ALA B 83 -4.91 11.48 -17.15
C ALA B 83 -3.47 11.01 -17.15
N VAL B 84 -3.19 9.81 -17.65
CA VAL B 84 -1.81 9.36 -17.73
C VAL B 84 -1.35 9.27 -19.18
N THR B 85 -0.09 8.89 -19.36
CA THR B 85 0.47 8.63 -20.67
C THR B 85 1.09 7.25 -20.76
N ILE B 86 1.08 6.48 -19.67
CA ILE B 86 1.66 5.15 -19.69
C ILE B 86 0.64 4.13 -20.21
N PRO B 87 1.08 2.99 -20.72
CA PRO B 87 0.14 1.98 -21.21
C PRO B 87 -0.81 1.47 -20.13
N ILE B 88 -2.03 1.16 -20.56
CA ILE B 88 -3.09 0.63 -19.71
C ILE B 88 -3.46 -0.76 -20.21
N ILE B 89 -3.45 -1.72 -19.31
CA ILE B 89 -4.01 -3.05 -19.57
C ILE B 89 -5.44 -3.08 -19.05
N GLY B 90 -6.40 -3.11 -19.96
CA GLY B 90 -7.80 -3.03 -19.60
C GLY B 90 -8.42 -4.38 -19.32
N ILE B 91 -9.35 -4.40 -18.37
CA ILE B 91 -10.17 -5.58 -18.09
C ILE B 91 -11.54 -5.12 -17.64
N VAL B 92 -12.47 -6.06 -17.66
CA VAL B 92 -13.81 -5.93 -17.11
C VAL B 92 -14.07 -7.18 -16.27
N LYS B 93 -14.37 -6.99 -14.99
CA LYS B 93 -14.64 -8.10 -14.09
C LYS B 93 -16.14 -8.24 -13.88
N ARG B 94 -16.68 -9.40 -14.25
CA ARG B 94 -18.10 -9.69 -14.17
C ARG B 94 -18.29 -11.02 -13.44
N ASP B 95 -19.20 -11.03 -12.46
CA ASP B 95 -19.55 -12.25 -11.74
C ASP B 95 -20.75 -12.85 -12.45
N LEU B 96 -20.50 -13.88 -13.26
CA LEU B 96 -21.60 -14.45 -14.01
C LEU B 96 -22.29 -15.54 -13.20
N PRO B 97 -23.61 -15.66 -13.39
CA PRO B 97 -24.35 -16.70 -12.67
C PRO B 97 -24.21 -18.08 -13.25
N ASP B 98 -23.73 -18.18 -14.49
CA ASP B 98 -23.69 -19.43 -15.23
C ASP B 98 -22.29 -19.97 -15.42
N SER B 99 -21.26 -19.28 -14.93
CA SER B 99 -19.88 -19.55 -15.31
C SER B 99 -18.95 -19.01 -14.24
N PRO B 100 -17.78 -19.63 -14.06
CA PRO B 100 -16.77 -19.10 -13.12
C PRO B 100 -15.86 -18.02 -13.69
N VAL B 101 -15.95 -17.71 -14.98
CA VAL B 101 -15.06 -16.74 -15.61
C VAL B 101 -15.44 -15.32 -15.20
N ARG B 102 -14.45 -14.52 -14.81
CA ARG B 102 -14.69 -13.14 -14.38
C ARG B 102 -14.00 -12.09 -15.24
N ILE B 103 -12.80 -12.36 -15.72
CA ILE B 103 -11.99 -11.36 -16.41
C ILE B 103 -12.36 -11.32 -17.89
N THR B 104 -13.05 -10.24 -18.29
CA THR B 104 -13.56 -9.84 -19.60
C THR B 104 -14.11 -11.01 -20.40
N PRO B 105 -15.33 -11.45 -20.10
CA PRO B 105 -15.89 -12.64 -20.76
C PRO B 105 -16.76 -12.35 -21.98
N PHE B 106 -16.94 -11.08 -22.34
CA PHE B 106 -17.79 -10.68 -23.46
C PHE B 106 -17.02 -9.80 -24.42
N VAL B 107 -17.32 -9.95 -25.72
CA VAL B 107 -16.72 -9.09 -26.75
C VAL B 107 -17.23 -7.67 -26.63
N SER B 108 -18.44 -7.47 -26.12
CA SER B 108 -18.88 -6.08 -25.85
C SER B 108 -18.02 -5.42 -24.77
N ASP B 109 -17.46 -6.20 -23.83
CA ASP B 109 -16.47 -5.65 -22.90
C ASP B 109 -15.17 -5.32 -23.63
N VAL B 110 -14.77 -6.19 -24.56
CA VAL B 110 -13.59 -5.96 -25.38
C VAL B 110 -13.70 -4.67 -26.20
N ASP B 111 -14.89 -4.41 -26.78
CA ASP B 111 -15.07 -3.21 -27.60
C ASP B 111 -15.03 -1.94 -26.78
N GLY B 112 -15.65 -1.94 -25.61
CA GLY B 112 -15.59 -0.77 -24.75
C GLY B 112 -14.19 -0.49 -24.22
N LEU B 113 -13.45 -1.55 -23.89
CA LEU B 113 -12.10 -1.35 -23.37
C LEU B 113 -11.20 -0.70 -24.41
N ALA B 114 -11.29 -1.13 -25.66
CA ALA B 114 -10.47 -0.51 -26.70
C ALA B 114 -10.91 0.93 -26.95
N ASN B 115 -12.22 1.18 -27.00
CA ASN B 115 -12.69 2.55 -27.11
C ASN B 115 -12.42 3.37 -25.86
N ALA B 116 -12.10 2.75 -24.72
CA ALA B 116 -11.80 3.51 -23.53
C ALA B 116 -10.35 3.97 -23.46
N GLY B 117 -9.48 3.40 -24.27
CA GLY B 117 -8.12 3.88 -24.35
C GLY B 117 -7.12 2.82 -23.97
N ALA B 118 -7.57 1.58 -23.91
CA ALA B 118 -6.68 0.52 -23.47
C ALA B 118 -5.63 0.20 -24.53
N THR B 119 -4.40 0.03 -24.07
CA THR B 119 -3.32 -0.41 -24.94
C THR B 119 -3.30 -1.93 -25.04
N VAL B 120 -3.39 -2.60 -23.88
CA VAL B 120 -3.52 -4.05 -23.80
C VAL B 120 -4.85 -4.37 -23.16
N ILE B 121 -5.48 -5.44 -23.65
CA ILE B 121 -6.71 -5.95 -23.05
C ILE B 121 -6.47 -7.40 -22.67
N ALA B 122 -6.65 -7.69 -21.36
CA ALA B 122 -6.46 -9.03 -20.82
C ALA B 122 -7.81 -9.74 -20.69
N PHE B 123 -7.76 -11.06 -20.78
CA PHE B 123 -8.97 -11.86 -20.68
C PHE B 123 -8.63 -13.19 -20.03
N ASP B 124 -9.67 -13.78 -19.45
CA ASP B 124 -9.57 -15.16 -18.96
C ASP B 124 -9.35 -16.09 -20.14
N ALA B 125 -8.26 -16.86 -20.07
CA ALA B 125 -7.91 -17.81 -21.11
C ALA B 125 -8.06 -19.26 -20.64
N THR B 126 -8.83 -19.49 -19.57
CA THR B 126 -9.04 -20.86 -19.12
C THR B 126 -10.13 -21.56 -19.95
N ASN B 127 -9.99 -22.88 -20.05
CA ASN B 127 -10.89 -23.73 -20.82
C ASN B 127 -12.05 -24.23 -19.95
N ARG B 128 -12.80 -23.28 -19.43
CA ARG B 128 -13.95 -23.55 -18.58
C ARG B 128 -15.22 -23.09 -19.28
N THR B 129 -16.35 -23.36 -18.63
CA THR B 129 -17.64 -22.96 -19.18
C THR B 129 -17.73 -21.44 -19.20
N ARG B 130 -18.21 -20.90 -20.32
CA ARG B 130 -18.17 -19.47 -20.58
C ARG B 130 -19.29 -19.15 -21.57
N PRO B 131 -19.80 -17.91 -21.55
CA PRO B 131 -20.88 -17.56 -22.49
C PRO B 131 -20.43 -17.46 -23.94
N GLU B 132 -19.24 -16.95 -24.18
CA GLU B 132 -18.67 -16.83 -25.51
C GLU B 132 -17.31 -17.51 -25.54
N SER B 133 -16.98 -18.11 -26.68
CA SER B 133 -15.77 -18.91 -26.74
C SER B 133 -14.53 -18.04 -26.49
N ARG B 134 -13.47 -18.67 -25.99
CA ARG B 134 -12.25 -17.91 -25.76
C ARG B 134 -11.56 -17.53 -27.05
N GLU B 135 -11.65 -18.36 -28.10
CA GLU B 135 -11.04 -18.00 -29.38
C GLU B 135 -11.58 -16.68 -29.88
N ARG B 136 -12.87 -16.43 -29.66
CA ARG B 136 -13.48 -15.21 -30.15
C ARG B 136 -13.00 -13.98 -29.38
N ILE B 137 -12.85 -14.08 -28.05
CA ILE B 137 -12.39 -12.92 -27.28
C ILE B 137 -10.98 -12.54 -27.71
N ALA B 138 -10.07 -13.52 -27.76
CA ALA B 138 -8.72 -13.24 -28.22
C ALA B 138 -8.73 -12.61 -29.60
N GLN B 139 -9.63 -13.08 -30.48
CA GLN B 139 -9.69 -12.53 -31.82
C GLN B 139 -10.37 -11.17 -31.85
N ALA B 140 -11.34 -10.95 -30.98
CA ALA B 140 -11.96 -9.63 -30.90
C ALA B 140 -10.94 -8.58 -30.48
N ILE B 141 -10.07 -8.93 -29.53
CA ILE B 141 -9.04 -8.00 -29.06
C ILE B 141 -8.10 -7.64 -30.22
N LYS B 142 -7.47 -8.65 -30.82
CA LYS B 142 -6.58 -8.40 -31.94
C LYS B 142 -7.22 -7.52 -33.02
N ASN B 143 -8.50 -7.75 -33.33
CA ASN B 143 -9.20 -6.96 -34.34
C ASN B 143 -9.25 -5.48 -33.98
N THR B 144 -9.20 -5.15 -32.69
CA THR B 144 -9.26 -3.76 -32.25
C THR B 144 -7.98 -3.02 -32.55
N GLY B 145 -6.87 -3.74 -32.62
CA GLY B 145 -5.56 -3.16 -32.67
C GLY B 145 -4.82 -3.20 -31.34
N CYS B 146 -5.52 -3.36 -30.23
CA CYS B 146 -4.89 -3.50 -28.93
C CYS B 146 -4.10 -4.81 -28.88
N PHE B 147 -3.05 -4.81 -28.06
CA PHE B 147 -2.42 -6.08 -27.72
C PHE B 147 -3.36 -6.92 -26.87
N ALA B 148 -3.17 -8.22 -26.92
CA ALA B 148 -3.99 -9.15 -26.17
C ALA B 148 -3.12 -9.84 -25.13
N MET B 149 -3.64 -9.95 -23.89
CA MET B 149 -3.00 -10.71 -22.82
C MET B 149 -3.89 -11.84 -22.33
N ALA B 150 -3.31 -13.02 -22.24
CA ALA B 150 -4.05 -14.17 -21.77
C ALA B 150 -3.76 -14.36 -20.28
N ASP B 151 -4.80 -14.25 -19.46
CA ASP B 151 -4.75 -14.62 -18.06
C ASP B 151 -4.88 -16.13 -17.99
N CYS B 152 -3.79 -16.81 -17.65
CA CYS B 152 -3.74 -18.26 -17.67
C CYS B 152 -3.63 -18.82 -16.27
N SER B 153 -4.08 -20.07 -16.14
CA SER B 153 -3.96 -20.87 -14.93
C SER B 153 -3.03 -22.05 -15.09
N THR B 154 -2.85 -22.56 -16.30
CA THR B 154 -2.00 -23.72 -16.55
C THR B 154 -1.15 -23.49 -17.77
N PHE B 155 -0.17 -24.38 -17.97
CA PHE B 155 0.70 -24.26 -19.13
C PHE B 155 -0.05 -24.43 -20.43
N GLU B 156 -0.96 -25.40 -20.51
CA GLU B 156 -1.66 -25.61 -21.77
C GLU B 156 -2.54 -24.43 -22.13
N ASP B 157 -3.02 -23.67 -21.14
CA ASP B 157 -3.75 -22.44 -21.44
C ASP B 157 -2.85 -21.43 -22.15
N GLY B 158 -1.57 -21.43 -21.80
CA GLY B 158 -0.63 -20.57 -22.51
C GLY B 158 -0.35 -21.05 -23.92
N LEU B 159 -0.12 -22.36 -24.08
CA LEU B 159 0.10 -22.93 -25.39
C LEU B 159 -1.05 -22.58 -26.34
N TRP B 160 -2.28 -22.71 -25.83
CA TRP B 160 -3.46 -22.31 -26.59
C TRP B 160 -3.40 -20.84 -26.98
N ALA B 161 -3.03 -19.96 -26.04
CA ALA B 161 -3.00 -18.53 -26.34
C ALA B 161 -2.05 -18.22 -27.48
N ASN B 162 -0.84 -18.79 -27.42
CA ASN B 162 0.14 -18.54 -28.47
C ASN B 162 -0.37 -19.02 -29.83
N SER B 163 -1.13 -20.13 -29.84
CA SER B 163 -1.66 -20.66 -31.10
C SER B 163 -2.62 -19.69 -31.78
N GLN B 164 -3.18 -18.73 -31.04
CA GLN B 164 -4.19 -17.81 -31.53
C GLN B 164 -3.61 -16.45 -31.90
N GLY B 165 -2.29 -16.33 -31.90
CA GLY B 165 -1.65 -15.05 -32.15
C GLY B 165 -1.67 -14.09 -30.99
N VAL B 166 -1.75 -14.60 -29.75
CA VAL B 166 -1.84 -13.75 -28.58
C VAL B 166 -0.44 -13.30 -28.14
N GLU B 167 -0.28 -11.99 -27.93
CA GLU B 167 1.04 -11.42 -27.68
C GLU B 167 1.58 -11.71 -26.28
N ILE B 168 0.72 -11.71 -25.25
CA ILE B 168 1.16 -11.84 -23.87
C ILE B 168 0.42 -12.98 -23.18
N VAL B 169 1.16 -13.78 -22.41
CA VAL B 169 0.58 -14.79 -21.52
C VAL B 169 0.99 -14.45 -20.10
N GLY B 170 0.07 -14.66 -19.17
CA GLY B 170 0.31 -14.35 -17.78
C GLY B 170 -0.07 -15.48 -16.85
N SER B 171 0.59 -15.51 -15.69
CA SER B 171 0.30 -16.46 -14.63
C SER B 171 -0.81 -15.98 -13.74
N THR B 172 -1.68 -15.11 -14.25
CA THR B 172 -2.66 -14.40 -13.43
C THR B 172 -3.53 -15.34 -12.61
N LEU B 173 -4.00 -16.44 -13.20
CA LEU B 173 -5.05 -17.25 -12.60
C LEU B 173 -4.57 -18.57 -11.99
N SER B 174 -3.27 -18.82 -11.95
CA SER B 174 -2.76 -20.06 -11.35
C SER B 174 -3.13 -20.12 -9.88
N GLY B 175 -3.81 -21.19 -9.49
CA GLY B 175 -4.24 -21.38 -8.13
C GLY B 175 -5.63 -20.87 -7.82
N TYR B 176 -6.32 -20.27 -8.79
CA TYR B 176 -7.66 -19.73 -8.56
C TYR B 176 -8.70 -20.46 -9.39
N VAL B 177 -8.46 -21.73 -9.70
CA VAL B 177 -9.37 -22.54 -10.51
C VAL B 177 -9.60 -23.91 -9.88
N PRO B 182 -3.76 -21.12 -2.27
CA PRO B 182 -2.30 -21.07 -2.30
C PRO B 182 -1.76 -19.69 -1.98
N THR B 183 -0.54 -19.65 -1.47
CA THR B 183 0.05 -18.45 -0.92
C THR B 183 1.35 -18.00 -1.58
N VAL B 184 2.23 -18.92 -1.96
CA VAL B 184 3.48 -18.59 -2.65
C VAL B 184 3.19 -18.40 -4.13
N PRO B 185 3.91 -17.52 -4.82
CA PRO B 185 3.66 -17.36 -6.26
C PRO B 185 4.02 -18.62 -7.03
N ASP B 186 3.42 -18.74 -8.23
CA ASP B 186 3.61 -19.93 -9.04
C ASP B 186 4.75 -19.61 -10.00
N PHE B 187 5.97 -19.90 -9.54
CA PHE B 187 7.19 -19.60 -10.28
C PHE B 187 7.45 -20.61 -11.39
N GLN B 188 7.01 -21.86 -11.20
CA GLN B 188 7.27 -22.87 -12.22
C GLN B 188 6.54 -22.55 -13.52
N LEU B 189 5.37 -21.91 -13.42
CA LEU B 189 4.65 -21.53 -14.63
C LEU B 189 5.38 -20.43 -15.38
N VAL B 190 5.99 -19.48 -14.67
CA VAL B 190 6.70 -18.40 -15.32
C VAL B 190 7.96 -18.92 -16.00
N LYS B 191 8.60 -19.92 -15.42
CA LYS B 191 9.71 -20.57 -16.09
C LYS B 191 9.24 -21.23 -17.38
N ALA B 192 8.16 -22.03 -17.30
CA ALA B 192 7.70 -22.75 -18.48
C ALA B 192 7.23 -21.81 -19.59
N PHE B 193 6.45 -20.78 -19.23
CA PHE B 193 6.08 -19.76 -20.21
C PHE B 193 7.30 -19.08 -20.79
N SER B 194 8.31 -18.83 -19.97
CA SER B 194 9.49 -18.13 -20.46
C SER B 194 10.40 -19.02 -21.29
N GLU B 195 10.53 -20.31 -20.95
CA GLU B 195 11.37 -21.20 -21.74
C GLU B 195 10.70 -21.62 -23.05
N ALA B 196 9.37 -21.51 -23.14
CA ALA B 196 8.67 -21.68 -24.42
C ALA B 196 8.89 -20.50 -25.36
N GLY B 197 9.42 -19.39 -24.87
CA GLY B 197 9.64 -18.20 -25.68
C GLY B 197 8.52 -17.19 -25.66
N PHE B 198 7.58 -17.30 -24.73
CA PHE B 198 6.49 -16.35 -24.65
C PHE B 198 6.96 -15.03 -24.05
N PHE B 199 6.21 -13.97 -24.37
CA PHE B 199 6.28 -12.67 -23.72
C PHE B 199 5.48 -12.83 -22.44
N THR B 200 6.21 -13.22 -21.38
CA THR B 200 5.62 -13.73 -20.15
C THR B 200 5.43 -12.60 -19.14
N MET B 201 4.21 -12.49 -18.62
CA MET B 201 3.87 -11.54 -17.57
C MET B 201 3.62 -12.32 -16.28
N ALA B 202 4.47 -12.12 -15.29
CA ALA B 202 4.25 -12.72 -13.97
C ALA B 202 3.19 -11.94 -13.21
N GLU B 203 2.14 -12.62 -12.78
CA GLU B 203 1.06 -11.94 -12.08
C GLU B 203 0.47 -12.95 -11.11
N GLY B 204 0.24 -12.52 -9.86
CA GLY B 204 -0.33 -13.39 -8.85
C GLY B 204 0.54 -13.56 -7.62
N ARG B 205 0.18 -12.87 -6.53
CA ARG B 205 0.72 -13.09 -5.19
C ARG B 205 2.18 -12.64 -5.04
N TYR B 206 2.68 -11.78 -5.94
CA TYR B 206 4.01 -11.19 -5.79
C TYR B 206 3.92 -10.03 -4.80
N ASN B 207 3.94 -10.37 -3.52
CA ASN B 207 3.56 -9.46 -2.46
C ASN B 207 4.71 -8.63 -1.92
N THR B 208 5.94 -9.00 -2.23
CA THR B 208 7.09 -8.26 -1.77
C THR B 208 8.02 -7.99 -2.94
N PRO B 209 8.85 -6.93 -2.87
CA PRO B 209 9.75 -6.63 -4.00
C PRO B 209 10.72 -7.76 -4.31
N GLU B 210 10.98 -8.62 -3.34
CA GLU B 210 11.88 -9.76 -3.54
C GLU B 210 11.21 -10.85 -4.37
N LEU B 211 9.92 -11.08 -4.12
CA LEU B 211 9.15 -12.06 -4.88
C LEU B 211 9.03 -11.61 -6.34
N ALA B 212 8.87 -10.31 -6.56
CA ALA B 212 8.82 -9.74 -7.91
C ALA B 212 10.20 -9.75 -8.58
N ALA B 213 11.29 -9.70 -7.81
CA ALA B 213 12.61 -9.79 -8.42
C ALA B 213 12.90 -11.22 -8.83
N LYS B 214 12.41 -12.19 -8.05
CA LYS B 214 12.57 -13.59 -8.44
C LYS B 214 11.70 -13.94 -9.64
N ALA B 215 10.60 -13.20 -9.85
CA ALA B 215 9.80 -13.41 -11.05
C ALA B 215 10.57 -13.06 -12.31
N ILE B 216 11.29 -11.94 -12.30
CA ILE B 216 12.05 -11.50 -13.47
C ILE B 216 13.15 -12.49 -13.79
N GLU B 217 13.86 -12.94 -12.75
CA GLU B 217 14.91 -13.94 -12.93
C GLU B 217 14.35 -15.30 -13.30
N SER B 218 13.08 -15.56 -13.01
CA SER B 218 12.43 -16.75 -13.54
C SER B 218 12.16 -16.65 -15.03
N GLY B 219 12.27 -15.46 -15.60
CA GLY B 219 12.12 -15.27 -17.03
C GLY B 219 11.02 -14.31 -17.44
N ALA B 220 10.24 -13.77 -16.50
CA ALA B 220 9.17 -12.88 -16.88
C ALA B 220 9.75 -11.57 -17.42
N VAL B 221 9.09 -11.02 -18.44
CA VAL B 221 9.49 -9.70 -18.92
C VAL B 221 9.09 -8.64 -17.90
N ALA B 222 7.88 -8.74 -17.38
CA ALA B 222 7.36 -7.81 -16.39
C ALA B 222 6.58 -8.58 -15.35
N VAL B 223 6.17 -7.86 -14.31
CA VAL B 223 5.43 -8.43 -13.19
C VAL B 223 4.36 -7.44 -12.75
N THR B 224 3.19 -7.97 -12.46
CA THR B 224 2.05 -7.16 -12.10
C THR B 224 1.78 -7.33 -10.60
N VAL B 225 1.58 -6.23 -9.90
CA VAL B 225 1.39 -6.26 -8.46
C VAL B 225 0.16 -5.44 -8.13
N GLY B 226 -0.77 -6.05 -7.40
CA GLY B 226 -2.02 -5.40 -7.09
C GLY B 226 -2.32 -5.24 -5.61
N SER B 227 -2.63 -6.34 -4.93
CA SER B 227 -3.07 -6.25 -3.54
C SER B 227 -2.04 -5.52 -2.66
N ALA B 228 -0.77 -5.87 -2.77
CA ALA B 228 0.27 -5.27 -1.93
C ALA B 228 0.45 -3.77 -2.17
N LEU B 229 -0.17 -3.20 -3.19
CA LEU B 229 0.00 -1.78 -3.49
C LEU B 229 -1.27 -0.96 -3.41
N THR B 230 -2.41 -1.46 -3.88
CA THR B 230 -3.62 -0.68 -4.09
C THR B 230 -4.85 -1.27 -3.39
N ARG B 231 -4.67 -2.16 -2.43
CA ARG B 231 -5.76 -2.73 -1.62
C ARG B 231 -5.44 -2.51 -0.13
N LEU B 232 -5.78 -1.32 0.37
CA LEU B 232 -5.38 -0.94 1.71
C LEU B 232 -5.96 -1.87 2.78
N GLU B 233 -7.25 -2.27 2.63
CA GLU B 233 -7.86 -3.18 3.60
C GLU B 233 -7.12 -4.51 3.68
N VAL B 234 -6.71 -5.05 2.53
CA VAL B 234 -6.00 -6.33 2.52
C VAL B 234 -4.67 -6.21 3.26
N VAL B 235 -3.85 -5.20 2.92
CA VAL B 235 -2.52 -5.06 3.52
C VAL B 235 -2.64 -4.77 5.01
N THR B 236 -3.62 -3.95 5.40
CA THR B 236 -3.90 -3.72 6.81
C THR B 236 -4.13 -5.04 7.55
N GLN B 237 -4.95 -5.92 6.97
CA GLN B 237 -5.23 -7.18 7.64
C GLN B 237 -4.01 -8.09 7.65
N TRP B 238 -3.08 -7.90 6.71
CA TRP B 238 -1.81 -8.62 6.75
C TRP B 238 -0.98 -8.23 7.97
N PHE B 239 -0.99 -6.94 8.33
CA PHE B 239 -0.17 -6.46 9.44
C PHE B 239 -0.79 -6.85 10.79
N ASN B 240 -2.08 -6.57 10.99
CA ASN B 240 -2.73 -6.92 12.25
C ASN B 240 -2.71 -8.42 12.48
N ASN B 241 -2.80 -9.20 11.42
CA ASN B 241 -2.78 -10.65 11.55
C ASN B 241 -1.49 -11.11 12.23
N ALA B 242 -0.36 -10.48 11.91
CA ALA B 242 0.96 -10.84 12.41
C ALA B 242 1.31 -10.19 13.75
N THR B 243 0.83 -8.96 13.98
CA THR B 243 1.04 -8.30 15.26
C THR B 243 0.12 -8.86 16.32
N GLN B 244 -1.11 -9.22 15.95
CA GLN B 244 -2.03 -9.80 16.91
C GLN B 244 -1.66 -11.24 17.24
N ALA B 245 -1.24 -12.01 16.24
CA ALA B 245 -0.78 -13.37 16.53
C ALA B 245 0.42 -13.36 17.45
N ALA B 246 1.31 -12.40 17.28
CA ALA B 246 2.43 -12.25 18.21
C ALA B 246 1.95 -11.85 19.59
N GLY B 247 0.93 -11.00 19.66
CA GLY B 247 0.38 -10.50 20.90
C GLY B 247 -0.44 -11.50 21.70
N GLU B 248 -0.32 -12.79 21.38
CA GLU B 248 -0.97 -13.86 22.13
C GLU B 248 0.16 -14.54 22.89
N ARG B 249 0.52 -13.94 24.01
CA ARG B 249 1.70 -14.30 24.78
C ARG B 249 1.70 -13.51 26.07
#